data_3DR5
#
_entry.id   3DR5
#
_cell.length_a   50.511
_cell.length_b   50.511
_cell.length_c   303.330
_cell.angle_alpha   90.00
_cell.angle_beta   90.00
_cell.angle_gamma   120.00
#
_symmetry.space_group_name_H-M   'P 61 2 2'
#
loop_
_entity.id
_entity.type
_entity.pdbx_description
1 polymer 'Putative O-Methyltransferase'
2 water water
#
_entity_poly.entity_id   1
_entity_poly.type   'polypeptide(L)'
_entity_poly.pdbx_seq_one_letter_code
;(MSE)SNAFEYLRTYVESTTETDAAVARAREDAAEFGLPAPDE(MSE)TGQLLTTLAATTNGNGSTGAIAITPAAGLVGL
YILNGLADNTTLTCIDPESEHQRQAKALFREAGYSPSRVRFLLSRPLDV(MSE)SRLANDSYQLVFGQVSP(MSE)DLKA
LVDAAWPLLRRGGALVLADALLDGTIADQTRKDRDTQAARDADEYIRSIEGAHVARLPLGAGLTVVTKALEHHHHHH
;
_entity_poly.pdbx_strand_id   A
#
# COMPACT_ATOMS: atom_id res chain seq x y z
N ASN A 3 -12.01 9.83 20.20
CA ASN A 3 -13.11 9.10 20.91
C ASN A 3 -13.93 8.18 20.02
N ALA A 4 -14.74 8.77 19.16
CA ALA A 4 -15.63 8.00 18.29
C ALA A 4 -14.97 7.10 17.27
N PHE A 5 -13.75 7.44 16.90
CA PHE A 5 -12.98 6.66 15.95
C PHE A 5 -12.73 5.24 16.48
N GLU A 6 -12.40 5.14 17.77
CA GLU A 6 -12.09 3.86 18.39
C GLU A 6 -13.25 2.93 18.67
N TYR A 7 -14.41 3.51 18.95
CA TYR A 7 -15.60 2.72 19.21
C TYR A 7 -15.98 2.11 17.85
N LEU A 8 -15.80 2.88 16.78
CA LEU A 8 -16.07 2.38 15.43
C LEU A 8 -14.99 1.29 15.18
N ARG A 9 -13.73 1.63 15.44
CA ARG A 9 -12.64 0.67 15.23
C ARG A 9 -12.85 -0.60 16.05
N THR A 10 -13.18 -0.42 17.32
CA THR A 10 -13.41 -1.55 18.21
C THR A 10 -14.53 -2.46 17.72
N TYR A 11 -15.66 -1.86 17.35
CA TYR A 11 -16.77 -2.65 16.85
C TYR A 11 -16.42 -3.37 15.55
N VAL A 12 -15.73 -2.68 14.65
CA VAL A 12 -15.36 -3.29 13.38
C VAL A 12 -14.28 -4.37 13.56
N GLU A 13 -13.29 -4.08 14.39
CA GLU A 13 -12.24 -5.06 14.62
C GLU A 13 -12.80 -6.26 15.39
N SER A 14 -13.54 -5.99 16.45
CA SER A 14 -14.12 -7.05 17.28
C SER A 14 -15.22 -7.82 16.57
N THR A 15 -15.52 -7.42 15.33
CA THR A 15 -16.61 -8.07 14.61
C THR A 15 -16.24 -8.63 13.24
N THR A 16 -15.02 -8.35 12.79
CA THR A 16 -14.53 -8.88 11.52
C THR A 16 -14.10 -10.34 11.74
N GLU A 17 -14.70 -11.26 10.98
CA GLU A 17 -14.39 -12.68 11.10
C GLU A 17 -12.90 -12.88 10.95
N THR A 18 -12.28 -13.41 11.99
CA THR A 18 -10.84 -13.62 12.00
C THR A 18 -10.32 -14.58 10.94
N ASP A 19 -9.20 -14.20 10.31
CA ASP A 19 -8.56 -15.06 9.32
C ASP A 19 -7.24 -15.49 9.97
N ALA A 20 -6.98 -16.80 9.98
CA ALA A 20 -5.78 -17.34 10.60
C ALA A 20 -4.49 -16.84 9.95
N ALA A 21 -4.43 -16.94 8.64
CA ALA A 21 -3.26 -16.49 7.91
C ALA A 21 -3.02 -15.00 8.16
N VAL A 22 -4.10 -14.22 8.21
CA VAL A 22 -3.99 -12.78 8.44
C VAL A 22 -3.56 -12.47 9.88
N ALA A 23 -4.15 -13.19 10.84
CA ALA A 23 -3.81 -12.98 12.24
C ALA A 23 -2.34 -13.34 12.48
N ARG A 24 -1.86 -14.38 11.81
CA ARG A 24 -0.48 -14.81 11.95
C ARG A 24 0.44 -13.72 11.41
N ALA A 25 0.11 -13.16 10.24
CA ALA A 25 0.91 -12.11 9.64
C ALA A 25 0.93 -10.83 10.51
N ARG A 26 -0.18 -10.57 11.20
CA ARG A 26 -0.27 -9.41 12.08
C ARG A 26 0.56 -9.65 13.35
N GLU A 27 0.59 -10.90 13.81
CA GLU A 27 1.38 -11.24 14.99
C GLU A 27 2.85 -11.14 14.60
N ASP A 28 3.21 -11.72 13.46
CA ASP A 28 4.60 -11.67 13.00
C ASP A 28 5.12 -10.24 12.89
N ALA A 29 4.34 -9.36 12.27
CA ALA A 29 4.75 -7.96 12.10
C ALA A 29 5.00 -7.28 13.45
N ALA A 30 4.12 -7.56 14.40
CA ALA A 30 4.22 -6.98 15.73
C ALA A 30 5.46 -7.51 16.46
N GLU A 31 5.75 -8.80 16.31
CA GLU A 31 6.92 -9.39 16.94
C GLU A 31 8.23 -8.80 16.44
N PHE A 32 8.24 -8.29 15.20
CA PHE A 32 9.43 -7.70 14.60
C PHE A 32 9.40 -6.18 14.56
N GLY A 33 8.38 -5.59 15.17
CA GLY A 33 8.24 -4.15 15.20
C GLY A 33 8.02 -3.48 13.85
N LEU A 34 7.37 -4.18 12.94
CA LEU A 34 7.12 -3.66 11.59
C LEU A 34 5.84 -2.84 11.49
N PRO A 35 5.83 -1.81 10.62
CA PRO A 35 4.66 -0.95 10.43
C PRO A 35 3.56 -1.79 9.75
N ALA A 36 2.46 -2.00 10.46
CA ALA A 36 1.36 -2.81 9.95
C ALA A 36 0.01 -2.10 9.93
N PRO A 37 -0.53 -1.83 8.73
CA PRO A 37 -1.83 -1.17 8.59
C PRO A 37 -2.87 -1.94 9.40
N ASP A 38 -3.79 -1.23 10.03
CA ASP A 38 -4.84 -1.90 10.82
C ASP A 38 -5.81 -2.68 9.94
N GLU A 39 -6.75 -3.37 10.57
CA GLU A 39 -7.72 -4.19 9.86
C GLU A 39 -8.59 -3.44 8.86
N THR A 41 -7.81 -0.61 7.24
CA THR A 41 -7.00 -0.20 6.11
C THR A 41 -6.80 -1.42 5.18
N GLY A 42 -6.61 -2.61 5.77
CA GLY A 42 -6.45 -3.82 4.98
C GLY A 42 -7.71 -4.13 4.17
N GLN A 43 -8.90 -3.97 4.77
CA GLN A 43 -10.16 -4.22 4.07
C GLN A 43 -10.26 -3.29 2.86
N LEU A 44 -9.89 -2.02 3.02
CA LEU A 44 -9.89 -1.08 1.91
C LEU A 44 -8.89 -1.56 0.83
N LEU A 45 -7.78 -2.18 1.24
CA LEU A 45 -6.80 -2.69 0.26
C LEU A 45 -7.46 -3.82 -0.56
N THR A 46 -8.22 -4.67 0.11
CA THR A 46 -8.92 -5.77 -0.56
C THR A 46 -9.93 -5.18 -1.56
N THR A 47 -10.61 -4.11 -1.16
CA THR A 47 -11.61 -3.45 -2.01
C THR A 47 -10.99 -2.91 -3.28
N LEU A 48 -9.85 -2.23 -3.16
CA LEU A 48 -9.19 -1.67 -4.33
C LEU A 48 -8.59 -2.75 -5.21
N ALA A 49 -8.08 -3.82 -4.58
CA ALA A 49 -7.51 -4.92 -5.34
C ALA A 49 -8.63 -5.60 -6.12
N ALA A 50 -9.82 -5.62 -5.52
CA ALA A 50 -11.00 -6.24 -6.14
C ALA A 50 -11.65 -5.35 -7.19
N THR A 51 -11.67 -4.05 -6.97
CA THR A 51 -12.29 -3.13 -7.92
C THR A 51 -11.38 -2.76 -9.09
N THR A 52 -10.07 -2.60 -8.86
CA THR A 52 -9.17 -2.26 -9.96
C THR A 52 -9.18 -3.34 -11.02
N ASN A 53 -8.83 -2.96 -12.25
CA ASN A 53 -8.90 -3.88 -13.39
C ASN A 53 -7.75 -4.83 -13.66
N GLY A 54 -8.00 -6.12 -13.43
CA GLY A 54 -6.97 -7.12 -13.66
C GLY A 54 -6.67 -7.35 -15.14
N ASN A 55 -7.63 -7.00 -16.00
CA ASN A 55 -7.48 -7.15 -17.44
C ASN A 55 -6.36 -6.27 -18.01
N GLY A 56 -5.33 -6.91 -18.55
CA GLY A 56 -4.19 -6.20 -19.13
C GLY A 56 -3.21 -5.75 -18.07
N SER A 57 -3.49 -6.11 -16.83
CA SER A 57 -2.66 -5.75 -15.70
C SER A 57 -1.77 -6.88 -15.20
N THR A 58 -0.54 -6.54 -14.81
CA THR A 58 0.38 -7.55 -14.28
C THR A 58 -0.10 -7.88 -12.86
N GLY A 59 -0.72 -6.89 -12.21
CA GLY A 59 -1.21 -7.10 -10.86
C GLY A 59 -0.92 -5.94 -9.91
N ALA A 60 -0.51 -6.27 -8.70
CA ALA A 60 -0.23 -5.25 -7.71
C ALA A 60 1.20 -5.26 -7.20
N ILE A 61 1.59 -4.14 -6.61
CA ILE A 61 2.92 -4.02 -6.02
C ILE A 61 2.74 -3.58 -4.55
N ALA A 62 3.43 -4.28 -3.65
CA ALA A 62 3.41 -3.93 -2.23
C ALA A 62 4.86 -3.57 -1.82
N ILE A 63 5.09 -2.31 -1.52
CA ILE A 63 6.40 -1.83 -1.12
C ILE A 63 6.34 -1.57 0.38
N THR A 64 6.81 -2.53 1.16
CA THR A 64 6.74 -2.42 2.61
C THR A 64 7.51 -3.54 3.30
N PRO A 65 8.00 -3.28 4.53
CA PRO A 65 8.75 -4.27 5.31
C PRO A 65 7.85 -5.44 5.71
N ALA A 66 6.55 -5.18 5.80
CA ALA A 66 5.58 -6.21 6.17
C ALA A 66 4.69 -6.55 4.98
N ALA A 67 5.30 -7.05 3.91
CA ALA A 67 4.56 -7.40 2.70
C ALA A 67 3.62 -8.58 2.86
N GLY A 68 3.87 -9.39 3.88
CA GLY A 68 3.05 -10.55 4.14
C GLY A 68 1.64 -10.20 4.57
N LEU A 69 1.53 -9.29 5.53
CA LEU A 69 0.23 -8.87 6.03
C LEU A 69 -0.51 -8.14 4.90
N VAL A 70 0.09 -7.06 4.40
CA VAL A 70 -0.49 -6.28 3.32
C VAL A 70 -0.87 -7.13 2.11
N GLY A 71 0.06 -8.00 1.69
CA GLY A 71 -0.15 -8.86 0.54
C GLY A 71 -1.34 -9.79 0.64
N LEU A 72 -1.61 -10.26 1.85
CA LEU A 72 -2.73 -11.16 2.08
C LEU A 72 -4.06 -10.44 1.83
N TYR A 73 -4.13 -9.16 2.20
CA TYR A 73 -5.34 -8.38 1.99
C TYR A 73 -5.54 -8.13 0.50
N ILE A 74 -4.45 -7.85 -0.19
CA ILE A 74 -4.48 -7.59 -1.62
C ILE A 74 -4.82 -8.86 -2.40
N LEU A 75 -4.18 -9.98 -2.04
CA LEU A 75 -4.43 -11.25 -2.72
C LEU A 75 -5.89 -11.71 -2.60
N ASN A 76 -6.54 -11.32 -1.50
CA ASN A 76 -7.94 -11.67 -1.31
C ASN A 76 -8.83 -11.13 -2.45
N GLY A 77 -8.53 -9.92 -2.90
CA GLY A 77 -9.35 -9.32 -3.96
C GLY A 77 -8.87 -9.43 -5.40
N LEU A 78 -7.56 -9.44 -5.57
CA LEU A 78 -6.94 -9.53 -6.88
C LEU A 78 -7.43 -10.69 -7.75
N ALA A 79 -7.63 -10.45 -9.04
CA ALA A 79 -8.05 -11.51 -9.97
C ALA A 79 -6.90 -12.56 -10.02
N ASP A 80 -7.28 -13.82 -10.16
CA ASP A 80 -6.31 -14.93 -10.18
C ASP A 80 -5.20 -14.87 -11.21
N ASN A 81 -5.48 -14.24 -12.35
CA ASN A 81 -4.49 -14.14 -13.41
C ASN A 81 -3.58 -12.92 -13.32
N THR A 82 -3.24 -12.54 -12.08
CA THR A 82 -2.34 -11.42 -11.83
C THR A 82 -1.40 -11.87 -10.71
N THR A 83 -0.35 -11.10 -10.47
CA THR A 83 0.60 -11.45 -9.41
C THR A 83 0.76 -10.31 -8.42
N LEU A 84 1.30 -10.64 -7.24
CA LEU A 84 1.58 -9.61 -6.25
C LEU A 84 3.11 -9.53 -6.24
N THR A 85 3.63 -8.32 -6.44
CA THR A 85 5.07 -8.11 -6.44
C THR A 85 5.41 -7.37 -5.14
N CYS A 86 6.20 -8.02 -4.30
CA CYS A 86 6.62 -7.44 -3.03
C CYS A 86 8.04 -6.94 -3.15
N ILE A 87 8.31 -5.78 -2.55
CA ILE A 87 9.63 -5.18 -2.63
C ILE A 87 10.19 -4.70 -1.29
N ASP A 88 11.30 -5.30 -0.87
CA ASP A 88 11.99 -4.89 0.35
C ASP A 88 13.43 -5.42 0.27
N PRO A 89 14.41 -4.65 0.76
CA PRO A 89 15.84 -5.03 0.73
C PRO A 89 16.30 -6.02 1.80
N GLU A 90 15.48 -6.23 2.82
CA GLU A 90 15.83 -7.13 3.92
C GLU A 90 15.45 -8.56 3.61
N SER A 91 16.41 -9.47 3.75
CA SER A 91 16.17 -10.87 3.43
C SER A 91 15.26 -11.64 4.37
N GLU A 92 15.26 -11.27 5.65
CA GLU A 92 14.38 -11.95 6.59
C GLU A 92 12.94 -11.48 6.28
N HIS A 93 12.78 -10.29 5.69
CA HIS A 93 11.44 -9.82 5.33
C HIS A 93 10.96 -10.66 4.15
N GLN A 94 11.88 -11.08 3.27
CA GLN A 94 11.52 -11.93 2.14
C GLN A 94 11.10 -13.30 2.67
N ARG A 95 11.83 -13.80 3.66
CA ARG A 95 11.50 -15.09 4.27
C ARG A 95 10.19 -14.95 5.02
N GLN A 96 10.02 -13.84 5.72
CA GLN A 96 8.80 -13.57 6.49
C GLN A 96 7.56 -13.57 5.60
N ALA A 97 7.66 -12.94 4.44
CA ALA A 97 6.54 -12.83 3.50
C ALA A 97 6.21 -14.14 2.79
N LYS A 98 7.19 -14.75 2.14
CA LYS A 98 6.99 -16.01 1.43
C LYS A 98 6.43 -17.10 2.35
N ALA A 99 6.81 -17.06 3.62
CA ALA A 99 6.32 -18.02 4.60
C ALA A 99 4.82 -17.81 4.79
N LEU A 100 4.42 -16.57 5.10
CA LEU A 100 3.01 -16.26 5.32
C LEU A 100 2.14 -16.62 4.11
N PHE A 101 2.65 -16.39 2.91
CA PHE A 101 1.91 -16.73 1.71
C PHE A 101 1.83 -18.25 1.62
N ARG A 102 2.94 -18.92 1.88
CA ARG A 102 2.99 -20.39 1.86
C ARG A 102 1.95 -20.96 2.85
N GLU A 103 1.95 -20.44 4.09
CA GLU A 103 1.03 -20.91 5.12
C GLU A 103 -0.43 -20.65 4.71
N ALA A 104 -0.71 -19.46 4.21
CA ALA A 104 -2.04 -19.19 3.67
C ALA A 104 -1.99 -20.19 2.46
N GLY A 105 -3.11 -20.49 1.84
CA GLY A 105 -3.06 -21.47 0.76
C GLY A 105 -2.58 -21.03 -0.60
N TYR A 106 -1.72 -20.03 -0.60
CA TYR A 106 -1.24 -19.46 -1.85
C TYR A 106 -0.10 -20.08 -2.62
N SER A 107 -0.32 -20.23 -3.93
CA SER A 107 0.68 -20.78 -4.83
C SER A 107 1.82 -19.78 -5.01
N PRO A 108 3.05 -20.29 -5.19
CA PRO A 108 4.24 -19.44 -5.37
C PRO A 108 4.18 -18.61 -6.66
N SER A 109 3.36 -19.10 -7.60
CA SER A 109 3.19 -18.44 -8.89
C SER A 109 2.42 -17.12 -8.84
N ARG A 110 1.72 -16.91 -7.72
CA ARG A 110 0.92 -15.71 -7.53
C ARG A 110 1.71 -14.55 -6.93
N VAL A 111 2.85 -14.87 -6.32
CA VAL A 111 3.70 -13.86 -5.70
C VAL A 111 5.10 -13.78 -6.27
N ARG A 112 5.70 -12.61 -6.16
CA ARG A 112 7.04 -12.37 -6.66
C ARG A 112 7.72 -11.43 -5.66
N PHE A 113 8.88 -11.83 -5.14
CA PHE A 113 9.57 -10.97 -4.20
C PHE A 113 10.87 -10.40 -4.78
N LEU A 114 11.00 -9.09 -4.74
CA LEU A 114 12.21 -8.45 -5.26
C LEU A 114 13.01 -7.89 -4.07
N LEU A 115 14.11 -8.59 -3.75
CA LEU A 115 15.00 -8.20 -2.65
C LEU A 115 15.78 -6.97 -3.10
N SER A 116 15.17 -5.80 -2.98
CA SER A 116 15.81 -4.56 -3.43
C SER A 116 15.25 -3.36 -2.69
N ARG A 117 15.91 -2.22 -2.88
CA ARG A 117 15.44 -0.98 -2.29
C ARG A 117 14.40 -0.59 -3.34
N PRO A 118 13.20 -0.19 -2.90
CA PRO A 118 12.10 0.22 -3.78
C PRO A 118 12.48 1.12 -4.95
N LEU A 119 13.09 2.26 -4.62
CA LEU A 119 13.44 3.22 -5.63
C LEU A 119 14.53 2.82 -6.61
N ASP A 120 15.23 1.74 -6.30
CA ASP A 120 16.27 1.26 -7.19
C ASP A 120 15.69 0.33 -8.24
N VAL A 121 14.78 -0.56 -7.82
CA VAL A 121 14.21 -1.56 -8.73
C VAL A 121 12.96 -1.18 -9.53
N SER A 123 12.79 1.11 -11.33
CA SER A 123 13.35 1.56 -12.60
C SER A 123 13.39 0.36 -13.56
N ARG A 124 13.28 -0.84 -13.01
CA ARG A 124 13.36 -2.08 -13.77
C ARG A 124 12.03 -2.78 -14.07
N LEU A 125 10.93 -2.11 -13.78
CA LEU A 125 9.62 -2.69 -14.02
C LEU A 125 8.96 -2.04 -15.22
N ALA A 126 8.00 -2.74 -15.81
CA ALA A 126 7.32 -2.24 -17.00
C ALA A 126 6.30 -1.15 -16.74
N ASN A 127 6.40 -0.06 -17.50
CA ASN A 127 5.47 1.06 -17.38
C ASN A 127 4.04 0.66 -17.77
N ASP A 128 3.07 1.31 -17.15
CA ASP A 128 1.65 1.08 -17.49
C ASP A 128 1.23 -0.38 -17.39
N SER A 129 1.71 -1.08 -16.36
CA SER A 129 1.39 -2.49 -16.21
C SER A 129 0.74 -2.87 -14.88
N TYR A 130 0.63 -1.93 -13.96
CA TYR A 130 0.08 -2.24 -12.65
C TYR A 130 -1.19 -1.50 -12.32
N GLN A 131 -2.12 -2.23 -11.70
CA GLN A 131 -3.42 -1.70 -11.31
C GLN A 131 -3.46 -1.18 -9.87
N LEU A 132 -2.47 -1.55 -9.07
CA LEU A 132 -2.46 -1.15 -7.67
C LEU A 132 -1.06 -1.18 -7.07
N VAL A 133 -0.68 -0.11 -6.39
CA VAL A 133 0.60 -0.03 -5.75
C VAL A 133 0.42 0.50 -4.32
N PHE A 134 0.88 -0.28 -3.35
CA PHE A 134 0.81 0.11 -1.96
C PHE A 134 2.23 0.42 -1.52
N GLY A 135 2.40 1.58 -0.90
CA GLY A 135 3.70 1.97 -0.42
C GLY A 135 3.74 2.32 1.05
N GLN A 136 4.69 1.72 1.77
CA GLN A 136 4.89 2.03 3.18
C GLN A 136 6.35 2.48 3.23
N VAL A 137 6.56 3.78 3.15
CA VAL A 137 7.90 4.35 3.15
C VAL A 137 8.02 5.52 4.13
N SER A 138 9.23 6.06 4.24
CA SER A 138 9.46 7.21 5.10
C SER A 138 8.95 8.43 4.35
N PRO A 139 8.48 9.45 5.08
CA PRO A 139 7.97 10.68 4.48
C PRO A 139 8.95 11.33 3.51
N ASP A 141 10.72 9.75 1.42
CA ASP A 141 10.72 8.98 0.18
C ASP A 141 9.40 9.09 -0.61
N LEU A 142 8.39 9.73 -0.02
CA LEU A 142 7.08 9.81 -0.66
C LEU A 142 7.01 10.36 -2.06
N LYS A 143 7.63 11.51 -2.27
CA LYS A 143 7.66 12.15 -3.56
C LYS A 143 8.34 11.25 -4.58
N ALA A 144 9.48 10.70 -4.21
CA ALA A 144 10.23 9.83 -5.11
C ALA A 144 9.42 8.58 -5.44
N LEU A 145 8.67 8.09 -4.46
CA LEU A 145 7.86 6.90 -4.69
C LEU A 145 6.74 7.22 -5.69
N VAL A 146 6.16 8.41 -5.60
CA VAL A 146 5.09 8.85 -6.51
C VAL A 146 5.62 8.93 -7.94
N ASP A 147 6.79 9.54 -8.08
CA ASP A 147 7.42 9.70 -9.39
C ASP A 147 7.81 8.35 -9.96
N ALA A 148 8.20 7.44 -9.07
CA ALA A 148 8.60 6.10 -9.50
C ALA A 148 7.37 5.24 -9.84
N ALA A 149 6.35 5.31 -9.00
CA ALA A 149 5.16 4.52 -9.20
C ALA A 149 4.23 4.97 -10.31
N TRP A 150 4.07 6.28 -10.46
CA TRP A 150 3.13 6.80 -11.45
C TRP A 150 3.22 6.19 -12.84
N PRO A 151 4.43 6.15 -13.42
CA PRO A 151 4.57 5.57 -14.76
C PRO A 151 4.13 4.10 -14.83
N LEU A 152 4.30 3.36 -13.74
CA LEU A 152 3.95 1.94 -13.70
C LEU A 152 2.45 1.70 -13.61
N LEU A 153 1.74 2.68 -13.06
CA LEU A 153 0.30 2.58 -12.89
C LEU A 153 -0.52 2.70 -14.15
N ARG A 154 -1.55 1.87 -14.28
CA ARG A 154 -2.43 1.95 -15.43
C ARG A 154 -3.57 2.92 -15.04
N ARG A 155 -4.29 3.45 -16.02
CA ARG A 155 -5.41 4.36 -15.77
C ARG A 155 -6.45 3.49 -15.06
N GLY A 156 -7.08 4.07 -14.03
CA GLY A 156 -8.04 3.33 -13.22
C GLY A 156 -7.23 2.67 -12.09
N GLY A 157 -5.91 2.88 -12.12
CA GLY A 157 -5.00 2.30 -11.11
C GLY A 157 -4.80 3.22 -9.93
N ALA A 158 -4.54 2.62 -8.77
CA ALA A 158 -4.37 3.38 -7.55
C ALA A 158 -3.05 3.21 -6.84
N LEU A 159 -2.50 4.34 -6.39
CA LEU A 159 -1.28 4.34 -5.60
C LEU A 159 -1.79 4.63 -4.17
N VAL A 160 -1.50 3.75 -3.23
CA VAL A 160 -1.92 3.91 -1.84
C VAL A 160 -0.70 4.18 -0.94
N LEU A 161 -0.68 5.36 -0.32
CA LEU A 161 0.43 5.76 0.55
C LEU A 161 0.05 5.80 2.02
N ALA A 162 0.52 4.81 2.76
CA ALA A 162 0.24 4.71 4.20
C ALA A 162 0.89 5.80 5.04
N ASP A 163 0.18 6.21 6.10
CA ASP A 163 0.64 7.22 7.06
C ASP A 163 1.26 8.46 6.44
N ALA A 164 0.86 8.81 5.22
CA ALA A 164 1.41 9.95 4.51
C ALA A 164 1.03 11.34 5.01
N LEU A 165 0.06 11.40 5.91
CA LEU A 165 -0.42 12.66 6.43
C LEU A 165 0.04 12.95 7.85
N LEU A 166 0.75 11.99 8.42
CA LEU A 166 1.27 12.11 9.79
C LEU A 166 0.24 12.63 10.78
N ASP A 167 -0.91 11.97 10.81
CA ASP A 167 -1.99 12.31 11.73
C ASP A 167 -2.49 13.75 11.63
N GLY A 168 -2.20 14.40 10.50
CA GLY A 168 -2.62 15.76 10.30
C GLY A 168 -1.53 16.71 10.78
N THR A 169 -0.50 16.16 11.41
CA THR A 169 0.63 16.92 11.94
C THR A 169 1.05 18.07 11.02
N ILE A 170 0.98 17.84 9.71
CA ILE A 170 1.38 18.87 8.76
C ILE A 170 0.52 20.13 8.83
N ALA A 171 0.96 21.19 8.12
CA ALA A 171 0.30 22.50 8.16
C ALA A 171 0.22 22.92 9.63
N ASP A 172 1.38 23.07 10.27
CA ASP A 172 1.44 23.48 11.67
C ASP A 172 2.74 24.25 11.92
N GLN A 173 2.61 25.54 12.22
CA GLN A 173 3.76 26.40 12.45
C GLN A 173 4.76 25.80 13.42
N THR A 174 4.28 25.38 14.58
CA THR A 174 5.16 24.80 15.59
C THR A 174 5.96 23.62 15.06
N ARG A 175 5.26 22.72 14.40
CA ARG A 175 5.89 21.51 13.87
C ARG A 175 6.91 21.66 12.76
N LYS A 176 8.14 22.06 13.11
CA LYS A 176 9.20 22.14 12.12
C LYS A 176 9.84 20.74 12.27
N ASP A 177 10.28 20.17 11.16
CA ASP A 177 10.79 18.79 11.16
C ASP A 177 11.25 18.43 9.76
N ARG A 178 12.29 17.61 9.67
CA ARG A 178 12.77 17.15 8.38
C ARG A 178 11.60 16.41 7.73
N ASP A 179 10.97 15.51 8.49
CA ASP A 179 9.89 14.69 7.98
C ASP A 179 8.58 15.41 7.63
N THR A 180 8.06 16.16 8.60
CA THR A 180 6.82 16.89 8.39
C THR A 180 6.92 17.74 7.11
N GLN A 181 8.09 18.33 6.90
CA GLN A 181 8.32 19.19 5.73
C GLN A 181 8.32 18.38 4.42
N ALA A 182 8.81 17.15 4.50
CA ALA A 182 8.86 16.28 3.34
C ALA A 182 7.45 15.76 3.05
N ALA A 183 6.74 15.36 4.11
CA ALA A 183 5.37 14.88 3.97
C ALA A 183 4.50 16.02 3.42
N ARG A 184 4.73 17.26 3.89
CA ARG A 184 3.97 18.41 3.41
C ARG A 184 4.22 18.63 1.91
N ASP A 185 5.48 18.55 1.49
CA ASP A 185 5.82 18.75 0.08
C ASP A 185 5.23 17.63 -0.79
N ALA A 186 5.21 16.42 -0.24
CA ALA A 186 4.64 15.28 -0.96
C ALA A 186 3.14 15.55 -1.18
N ASP A 187 2.43 15.90 -0.12
CA ASP A 187 1.00 16.18 -0.20
C ASP A 187 0.75 17.28 -1.24
N GLU A 188 1.44 18.41 -1.07
CA GLU A 188 1.31 19.54 -2.00
C GLU A 188 1.66 19.10 -3.43
N TYR A 189 2.70 18.28 -3.57
CA TYR A 189 3.12 17.79 -4.88
C TYR A 189 2.08 16.84 -5.46
N ILE A 190 1.58 15.93 -4.63
CA ILE A 190 0.58 14.97 -5.07
C ILE A 190 -0.69 15.69 -5.54
N ARG A 191 -1.09 16.73 -4.81
CA ARG A 191 -2.29 17.48 -5.19
C ARG A 191 -2.10 18.36 -6.43
N SER A 192 -0.89 18.39 -6.95
CA SER A 192 -0.58 19.20 -8.12
C SER A 192 -0.56 18.39 -9.42
N ILE A 193 -0.47 17.08 -9.32
CA ILE A 193 -0.39 16.27 -10.52
C ILE A 193 -1.72 16.21 -11.26
N GLU A 194 -1.63 16.23 -12.59
CA GLU A 194 -2.81 16.25 -13.44
C GLU A 194 -3.29 14.88 -13.89
N GLY A 195 -4.60 14.75 -14.03
CA GLY A 195 -5.16 13.48 -14.45
C GLY A 195 -5.06 12.48 -13.31
N ALA A 196 -5.09 12.99 -12.07
CA ALA A 196 -5.03 12.14 -10.88
C ALA A 196 -6.21 12.42 -9.99
N HIS A 197 -6.76 11.37 -9.37
CA HIS A 197 -7.82 11.56 -8.39
C HIS A 197 -7.11 11.36 -7.05
N VAL A 198 -7.25 12.33 -6.16
CA VAL A 198 -6.61 12.26 -4.84
C VAL A 198 -7.67 12.10 -3.76
N ALA A 199 -7.54 11.04 -2.97
CA ALA A 199 -8.45 10.81 -1.86
C ALA A 199 -7.56 10.68 -0.62
N ARG A 200 -7.84 11.44 0.42
CA ARG A 200 -7.06 11.39 1.64
C ARG A 200 -8.05 11.00 2.74
N LEU A 201 -7.80 9.85 3.34
CA LEU A 201 -8.70 9.26 4.30
C LEU A 201 -8.20 9.08 5.74
N PRO A 202 -9.14 9.02 6.70
CA PRO A 202 -8.83 8.87 8.13
C PRO A 202 -8.45 7.45 8.56
N LEU A 203 -7.49 6.84 7.87
CA LEU A 203 -7.04 5.48 8.19
C LEU A 203 -5.56 5.54 8.57
N GLY A 204 -5.19 4.78 9.61
CA GLY A 204 -3.81 4.80 10.07
C GLY A 204 -3.49 6.24 10.46
N ALA A 205 -2.32 6.72 10.05
CA ALA A 205 -1.92 8.10 10.34
C ALA A 205 -2.32 9.03 9.20
N GLY A 206 -3.27 8.59 8.36
CA GLY A 206 -3.71 9.40 7.24
C GLY A 206 -3.24 8.81 5.93
N LEU A 207 -4.18 8.22 5.20
CA LEU A 207 -3.89 7.55 3.94
C LEU A 207 -4.11 8.41 2.72
N THR A 208 -3.16 8.39 1.80
CA THR A 208 -3.34 9.13 0.56
C THR A 208 -3.39 8.13 -0.57
N VAL A 209 -4.51 8.07 -1.28
CA VAL A 209 -4.59 7.19 -2.42
C VAL A 209 -4.82 8.08 -3.64
N VAL A 210 -3.97 7.89 -4.65
CA VAL A 210 -4.08 8.68 -5.83
C VAL A 210 -4.23 7.71 -7.00
N THR A 211 -5.38 7.81 -7.67
CA THR A 211 -5.62 6.94 -8.78
C THR A 211 -5.51 7.70 -10.09
N LYS A 212 -5.01 7.00 -11.11
CA LYS A 212 -4.82 7.60 -12.42
C LYS A 212 -6.14 7.69 -13.14
N ALA A 213 -6.56 8.91 -13.40
CA ALA A 213 -7.82 9.17 -14.07
C ALA A 213 -7.93 8.56 -15.46
N LEU A 214 -9.16 8.21 -15.85
CA LEU A 214 -9.41 7.68 -17.18
C LEU A 214 -9.56 8.94 -18.07
N GLU A 215 -9.64 8.77 -19.38
CA GLU A 215 -9.77 9.91 -20.31
C GLU A 215 -11.16 10.51 -20.11
N HIS A 216 -11.20 11.83 -19.95
CA HIS A 216 -12.48 12.51 -19.74
C HIS A 216 -12.78 13.67 -20.68
N HIS A 217 -13.98 13.63 -21.26
CA HIS A 217 -14.46 14.67 -22.16
C HIS A 217 -14.77 15.91 -21.31
N HIS A 218 -15.35 15.68 -20.12
CA HIS A 218 -15.77 16.77 -19.24
C HIS A 218 -14.72 17.66 -18.58
#